data_9F7B
#
_entry.id   9F7B
#
_cell.length_a   37.745
_cell.length_b   60.009
_cell.length_c   63.472
_cell.angle_alpha   90.000
_cell.angle_beta   95.794
_cell.angle_gamma   90.000
#
_symmetry.space_group_name_H-M   'P 1 21 1'
#
loop_
_entity.id
_entity.type
_entity.pdbx_description
1 polymer '3-hydroxyacyl-[acyl-carrier-protein] dehydratase'
2 water water
#
_entity_poly.entity_id   1
_entity_poly.type   'polypeptide(L)'
_entity_poly.pdbx_seq_one_letter_code
;MGSSHHHHHHSSGLVPRGSHMAGERVSDTPTQRDPVFEILQSRGRRSPAVWFHGSMGTVQAYLGLARAIGDEVPFHAFQS
RGLRGEDAPLADLGEMAALYTRRLLARQPDESRAFRLGGYSQGGLLAYEVTRQLQLAGRRVESLVMVDTPYAYGDMALKD
DDDTDSLRLAIVYVNLLLMNGLGDFSDLAEVHRPGIDPAELLPALVRAGIDRGLPYTPQALGQLIERHHRVARANETAAR
TYLPADLPHPGQPVVHYFARRHPQVYFDPARFSGPMVEWTNRYFADKDCASRWQRHLPTWHHHATPAVDHFAMLTDSASF
AAIVRTCRELYLGSGSTTDQAGALLVSGPA
;
_entity_poly.pdbx_strand_id   A
#
# COMPACT_ATOMS: atom_id res chain seq x y z
N ASP A 34 16.75 -0.94 -7.79
CA ASP A 34 17.42 0.38 -7.62
C ASP A 34 16.39 1.50 -7.80
N PRO A 35 15.67 1.58 -8.94
CA PRO A 35 14.51 2.46 -9.01
C PRO A 35 13.31 1.90 -8.23
N VAL A 36 13.14 0.57 -8.16
CA VAL A 36 11.96 0.02 -7.51
C VAL A 36 12.29 -0.70 -6.19
N PHE A 37 13.53 -1.10 -5.96
CA PHE A 37 13.85 -1.93 -4.83
C PHE A 37 14.58 -1.10 -3.77
N GLU A 38 14.08 -1.12 -2.52
CA GLU A 38 14.66 -0.36 -1.41
C GLU A 38 14.93 -1.29 -0.22
N ILE A 39 16.10 -1.14 0.40
CA ILE A 39 16.39 -1.81 1.66
C ILE A 39 16.16 -0.80 2.79
N LEU A 40 15.16 -1.06 3.63
CA LEU A 40 14.74 -0.12 4.66
C LEU A 40 15.50 -0.39 5.96
N GLN A 41 15.78 -1.66 6.24
CA GLN A 41 16.54 -2.07 7.41
C GLN A 41 17.47 -3.20 6.93
N SER A 42 18.80 -2.93 6.87
CA SER A 42 19.72 -3.82 6.16
C SER A 42 20.16 -4.99 7.01
N ARG A 43 20.16 -4.83 8.33
CA ARG A 43 20.84 -5.75 9.23
C ARG A 43 20.03 -7.03 9.47
N GLY A 44 20.78 -8.09 9.83
CA GLY A 44 20.26 -9.32 10.39
C GLY A 44 20.55 -10.52 9.51
N ARG A 45 20.45 -11.72 10.10
CA ARG A 45 20.73 -12.96 9.41
C ARG A 45 19.49 -13.76 9.07
N ARG A 46 18.31 -13.37 9.53
CA ARG A 46 17.13 -14.11 9.16
C ARG A 46 16.71 -13.73 7.74
N SER A 47 15.80 -14.51 7.15
CA SER A 47 15.28 -14.22 5.82
C SER A 47 14.62 -12.86 5.85
N PRO A 48 14.79 -12.03 4.81
CA PRO A 48 14.16 -10.72 4.78
C PRO A 48 12.64 -10.75 4.85
N ALA A 49 12.05 -9.71 5.45
CA ALA A 49 10.65 -9.36 5.16
C ALA A 49 10.62 -8.49 3.90
N VAL A 50 9.77 -8.84 2.92
CA VAL A 50 9.61 -8.02 1.71
C VAL A 50 8.19 -7.47 1.59
N TRP A 51 8.07 -6.15 1.67
CA TRP A 51 6.77 -5.51 1.64
C TRP A 51 6.59 -4.67 0.37
N PHE A 52 5.33 -4.36 0.01
CA PHE A 52 5.04 -3.68 -1.23
C PHE A 52 4.28 -2.39 -0.97
N HIS A 53 4.62 -1.37 -1.76
CA HIS A 53 3.97 -0.06 -1.69
C HIS A 53 2.46 -0.15 -1.78
N GLY A 54 1.80 0.79 -1.11
CA GLY A 54 0.41 1.07 -1.38
C GLY A 54 0.25 1.83 -2.71
N SER A 55 -0.91 2.46 -2.91
CA SER A 55 -1.23 3.08 -4.18
C SER A 55 -0.42 4.37 -4.38
N MET A 56 0.09 4.95 -3.28
CA MET A 56 0.97 6.11 -3.38
C MET A 56 2.30 5.73 -4.05
N GLY A 57 2.68 4.45 -4.03
CA GLY A 57 3.89 3.96 -4.69
C GLY A 57 5.16 4.01 -3.81
N THR A 58 5.07 4.68 -2.65
CA THR A 58 6.23 4.92 -1.79
C THR A 58 6.27 3.89 -0.65
N VAL A 59 7.43 3.76 0.00
CA VAL A 59 7.60 2.75 1.03
C VAL A 59 8.00 3.35 2.39
N GLN A 60 8.10 4.69 2.49
CA GLN A 60 8.58 5.32 3.71
C GLN A 60 7.64 5.02 4.88
N ALA A 61 6.36 4.78 4.59
CA ALA A 61 5.40 4.45 5.62
C ALA A 61 5.79 3.19 6.40
N TYR A 62 6.68 2.36 5.85
CA TYR A 62 7.04 1.09 6.50
C TYR A 62 8.30 1.22 7.38
N LEU A 63 8.91 2.40 7.48
CA LEU A 63 10.12 2.54 8.29
C LEU A 63 9.85 2.26 9.77
N GLY A 64 8.72 2.74 10.30
CA GLY A 64 8.35 2.47 11.68
C GLY A 64 8.23 0.97 11.98
N LEU A 65 7.54 0.25 11.12
CA LEU A 65 7.43 -1.19 11.25
C LEU A 65 8.82 -1.85 11.24
N ALA A 66 9.67 -1.47 10.28
CA ALA A 66 10.99 -2.07 10.12
C ALA A 66 11.82 -1.87 11.40
N ARG A 67 11.78 -0.66 11.94
CA ARG A 67 12.50 -0.35 13.19
C ARG A 67 11.92 -1.16 14.36
N ALA A 68 10.59 -1.32 14.42
CA ALA A 68 9.97 -2.04 15.52
C ALA A 68 10.29 -3.53 15.46
N ILE A 69 10.32 -4.11 14.26
CA ILE A 69 10.76 -5.48 14.08
C ILE A 69 12.24 -5.57 14.46
N GLY A 70 13.05 -4.63 13.95
CA GLY A 70 14.40 -4.40 14.47
C GLY A 70 15.50 -5.16 13.71
N ASP A 71 16.71 -5.11 14.30
CA ASP A 71 17.96 -5.38 13.60
C ASP A 71 18.20 -6.85 13.25
N GLU A 72 17.39 -7.78 13.78
CA GLU A 72 17.56 -9.20 13.50
C GLU A 72 16.94 -9.60 12.16
N VAL A 73 16.06 -8.77 11.57
CA VAL A 73 15.33 -9.12 10.37
C VAL A 73 15.49 -8.03 9.33
N PRO A 74 16.11 -8.32 8.16
CA PRO A 74 16.17 -7.38 7.05
C PRO A 74 14.77 -7.04 6.57
N PHE A 75 14.55 -5.74 6.31
CA PHE A 75 13.28 -5.26 5.80
C PHE A 75 13.49 -4.58 4.46
N HIS A 76 12.93 -5.21 3.44
CA HIS A 76 13.07 -4.79 2.06
C HIS A 76 11.71 -4.41 1.51
N ALA A 77 11.65 -3.48 0.56
CA ALA A 77 10.37 -3.07 0.01
C ALA A 77 10.52 -2.63 -1.45
N PHE A 78 9.40 -2.76 -2.17
CA PHE A 78 9.29 -2.35 -3.56
C PHE A 78 8.47 -1.08 -3.64
N GLN A 79 9.04 -0.08 -4.36
CA GLN A 79 8.33 1.14 -4.69
C GLN A 79 8.05 1.21 -6.20
N SER A 80 7.06 2.03 -6.57
CA SER A 80 6.58 2.10 -7.95
C SER A 80 7.64 2.69 -8.89
N ARG A 81 7.85 2.04 -10.04
CA ARG A 81 8.55 2.71 -11.12
C ARG A 81 7.82 4.02 -11.41
N GLY A 82 8.57 5.10 -11.64
CA GLY A 82 7.99 6.38 -12.05
C GLY A 82 8.10 7.46 -10.98
N LEU A 83 8.54 7.09 -9.76
CA LEU A 83 8.66 8.06 -8.67
C LEU A 83 9.88 8.96 -8.89
N ARG A 84 11.03 8.36 -9.25
CA ARG A 84 12.26 9.11 -9.52
C ARG A 84 12.18 9.82 -10.87
N GLY A 85 11.01 9.78 -11.53
CA GLY A 85 10.77 10.51 -12.77
C GLY A 85 11.44 9.86 -13.98
N GLU A 86 12.04 8.67 -13.76
CA GLU A 86 12.95 8.07 -14.71
C GLU A 86 12.19 7.24 -15.76
N ASP A 87 10.91 6.94 -15.51
CA ASP A 87 10.17 6.06 -16.41
C ASP A 87 8.66 6.27 -16.29
N ALA A 88 7.91 5.69 -17.24
CA ALA A 88 6.46 5.72 -17.17
C ALA A 88 5.96 4.76 -16.08
N PRO A 89 5.07 5.22 -15.16
CA PRO A 89 4.46 4.34 -14.16
C PRO A 89 3.69 3.22 -14.85
N LEU A 90 3.68 2.02 -14.26
CA LEU A 90 2.92 0.88 -14.76
C LEU A 90 1.50 1.01 -14.23
N ALA A 91 0.51 0.61 -15.06
CA ALA A 91 -0.90 0.66 -14.70
C ALA A 91 -1.55 -0.73 -14.74
N ASP A 92 -0.72 -1.79 -14.70
CA ASP A 92 -1.16 -3.16 -14.83
C ASP A 92 -0.55 -3.96 -13.69
N LEU A 93 -1.39 -4.55 -12.84
CA LEU A 93 -0.98 -5.14 -11.56
C LEU A 93 -0.10 -6.35 -11.86
N GLY A 94 -0.52 -7.17 -12.82
CA GLY A 94 0.25 -8.33 -13.24
C GLY A 94 1.65 -7.96 -13.69
N GLU A 95 1.75 -6.83 -14.39
CA GLU A 95 3.00 -6.42 -14.99
C GLU A 95 3.93 -5.86 -13.93
N MET A 96 3.44 -5.03 -13.01
CA MET A 96 4.29 -4.55 -11.94
C MET A 96 4.71 -5.70 -11.01
N ALA A 97 3.83 -6.69 -10.77
CA ALA A 97 4.17 -7.83 -9.95
C ALA A 97 5.27 -8.67 -10.61
N ALA A 98 5.20 -8.80 -11.94
CA ALA A 98 6.22 -9.52 -12.68
C ALA A 98 7.57 -8.84 -12.54
N LEU A 99 7.60 -7.50 -12.64
CA LEU A 99 8.84 -6.75 -12.44
C LEU A 99 9.45 -7.11 -11.08
N TYR A 100 8.62 -7.06 -10.03
CA TYR A 100 9.12 -7.25 -8.66
C TYR A 100 9.54 -8.71 -8.50
N THR A 101 8.77 -9.61 -9.12
CA THR A 101 9.09 -11.03 -9.06
C THR A 101 10.47 -11.30 -9.67
N ARG A 102 10.71 -10.79 -10.88
CA ARG A 102 12.02 -10.92 -11.51
C ARG A 102 13.16 -10.49 -10.58
N ARG A 103 13.01 -9.32 -9.96
CA ARG A 103 14.02 -8.83 -9.04
C ARG A 103 14.21 -9.80 -7.87
N LEU A 104 13.11 -10.34 -7.30
CA LEU A 104 13.24 -11.23 -6.13
C LEU A 104 13.94 -12.54 -6.52
N LEU A 105 13.59 -13.09 -7.68
CA LEU A 105 14.21 -14.31 -8.16
C LEU A 105 15.71 -14.13 -8.35
N ALA A 106 16.16 -12.95 -8.79
CA ALA A 106 17.56 -12.69 -9.08
C ALA A 106 18.34 -12.43 -7.79
N ARG A 107 17.73 -11.71 -6.86
CA ARG A 107 18.36 -11.41 -5.58
C ARG A 107 18.49 -12.65 -4.69
N GLN A 108 17.57 -13.62 -4.82
CA GLN A 108 17.56 -14.77 -3.92
C GLN A 108 17.57 -16.05 -4.76
N PRO A 109 18.75 -16.50 -5.22
CA PRO A 109 18.84 -17.66 -6.11
C PRO A 109 18.70 -19.04 -5.47
N ASP A 110 18.80 -19.10 -4.14
CA ASP A 110 18.55 -20.33 -3.41
C ASP A 110 17.03 -20.57 -3.35
N GLU A 111 16.58 -21.55 -4.14
CA GLU A 111 15.16 -21.85 -4.28
C GLU A 111 14.57 -22.55 -3.06
N SER A 112 15.39 -22.93 -2.08
CA SER A 112 14.89 -23.60 -0.89
C SER A 112 14.47 -22.58 0.17
N ARG A 113 14.86 -21.31 0.02
CA ARG A 113 14.48 -20.30 0.99
C ARG A 113 13.08 -19.77 0.66
N ALA A 114 12.12 -19.94 1.58
CA ALA A 114 10.76 -19.41 1.39
C ALA A 114 10.75 -17.89 1.57
N PHE A 115 9.92 -17.22 0.77
CA PHE A 115 9.75 -15.79 0.90
C PHE A 115 8.79 -15.44 2.04
N ARG A 116 8.98 -14.23 2.61
CA ARG A 116 8.09 -13.61 3.55
C ARG A 116 7.61 -12.28 2.94
N LEU A 117 6.33 -12.22 2.54
CA LEU A 117 5.81 -11.06 1.83
C LEU A 117 4.75 -10.33 2.65
N GLY A 118 4.53 -9.05 2.32
CA GLY A 118 3.41 -8.33 2.89
C GLY A 118 3.18 -6.96 2.26
N GLY A 119 2.10 -6.30 2.69
CA GLY A 119 1.85 -4.95 2.25
C GLY A 119 0.56 -4.39 2.82
N TYR A 120 0.51 -3.06 2.81
CA TYR A 120 -0.65 -2.31 3.26
C TYR A 120 -1.38 -1.87 1.99
N SER A 121 -2.72 -1.94 2.03
CA SER A 121 -3.53 -1.41 0.95
C SER A 121 -3.21 -2.16 -0.35
N GLN A 122 -2.96 -1.43 -1.46
CA GLN A 122 -2.58 -2.06 -2.73
C GLN A 122 -1.38 -3.00 -2.56
N GLY A 123 -0.54 -2.73 -1.55
CA GLY A 123 0.68 -3.50 -1.33
C GLY A 123 0.38 -4.95 -0.96
N GLY A 124 -0.77 -5.17 -0.31
CA GLY A 124 -1.25 -6.51 -0.03
C GLY A 124 -1.69 -7.24 -1.29
N LEU A 125 -2.22 -6.48 -2.23
CA LEU A 125 -2.66 -6.97 -3.52
C LEU A 125 -1.44 -7.44 -4.31
N LEU A 126 -0.39 -6.61 -4.33
CA LEU A 126 0.87 -6.95 -4.96
C LEU A 126 1.48 -8.19 -4.29
N ALA A 127 1.45 -8.26 -2.95
CA ALA A 127 1.99 -9.39 -2.21
C ALA A 127 1.30 -10.69 -2.66
N TYR A 128 -0.01 -10.64 -2.89
CA TYR A 128 -0.76 -11.79 -3.35
C TYR A 128 -0.29 -12.19 -4.75
N GLU A 129 -0.28 -11.23 -5.67
CA GLU A 129 0.05 -11.52 -7.05
C GLU A 129 1.50 -11.96 -7.20
N VAL A 130 2.39 -11.37 -6.39
CA VAL A 130 3.77 -11.84 -6.37
C VAL A 130 3.84 -13.27 -5.82
N THR A 131 3.07 -13.58 -4.77
CA THR A 131 3.01 -14.95 -4.26
C THR A 131 2.62 -15.91 -5.39
N ARG A 132 1.63 -15.50 -6.20
CA ARG A 132 1.18 -16.36 -7.30
C ARG A 132 2.29 -16.58 -8.32
N GLN A 133 2.96 -15.52 -8.73
CA GLN A 133 3.98 -15.64 -9.76
C GLN A 133 5.21 -16.39 -9.24
N LEU A 134 5.54 -16.22 -7.93
CA LEU A 134 6.65 -16.96 -7.34
C LEU A 134 6.36 -18.46 -7.33
N GLN A 135 5.12 -18.81 -6.97
CA GLN A 135 4.72 -20.21 -6.96
C GLN A 135 4.80 -20.76 -8.37
N LEU A 136 4.38 -19.98 -9.39
CA LEU A 136 4.47 -20.45 -10.76
C LEU A 136 5.93 -20.68 -11.14
N ALA A 137 6.84 -19.92 -10.52
CA ALA A 137 8.26 -20.07 -10.78
C ALA A 137 8.91 -21.12 -9.87
N GLY A 138 8.13 -21.88 -9.11
CA GLY A 138 8.65 -22.96 -8.28
C GLY A 138 9.18 -22.55 -6.89
N ARG A 139 8.88 -21.32 -6.41
CA ARG A 139 9.33 -20.86 -5.11
C ARG A 139 8.19 -20.98 -4.10
N ARG A 140 8.55 -20.97 -2.82
CA ARG A 140 7.59 -21.02 -1.73
C ARG A 140 7.50 -19.67 -1.01
N VAL A 141 6.31 -19.31 -0.59
CA VAL A 141 6.06 -18.17 0.27
C VAL A 141 5.49 -18.69 1.59
N GLU A 142 6.22 -18.49 2.69
CA GLU A 142 5.81 -19.08 3.96
C GLU A 142 4.80 -18.20 4.68
N SER A 143 4.80 -16.88 4.42
CA SER A 143 3.91 -15.98 5.14
C SER A 143 3.54 -14.79 4.29
N LEU A 144 2.32 -14.33 4.48
CA LEU A 144 1.77 -13.20 3.75
C LEU A 144 0.95 -12.35 4.70
N VAL A 145 1.39 -11.09 4.87
CA VAL A 145 0.70 -10.14 5.74
C VAL A 145 -0.04 -9.16 4.85
N MET A 146 -1.34 -9.01 5.09
CA MET A 146 -2.13 -8.04 4.36
C MET A 146 -2.74 -7.04 5.34
N VAL A 147 -2.43 -5.74 5.16
CA VAL A 147 -2.95 -4.72 6.06
C VAL A 147 -4.05 -3.93 5.36
N ASP A 148 -5.29 -4.22 5.76
CA ASP A 148 -6.52 -3.64 5.22
C ASP A 148 -6.54 -3.57 3.70
N THR A 149 -6.16 -4.66 3.04
CA THR A 149 -6.19 -4.73 1.59
C THR A 149 -7.62 -5.01 1.11
N PRO A 150 -8.25 -4.07 0.38
CA PRO A 150 -9.56 -4.33 -0.24
C PRO A 150 -9.43 -5.49 -1.24
N TYR A 151 -10.48 -6.29 -1.33
CA TYR A 151 -10.55 -7.34 -2.33
C TYR A 151 -10.66 -6.66 -3.69
N ALA A 152 -10.18 -7.35 -4.72
CA ALA A 152 -10.14 -6.80 -6.06
C ALA A 152 -11.40 -7.25 -6.80
N TYR A 153 -12.46 -6.43 -6.78
CA TYR A 153 -13.76 -6.87 -7.26
C TYR A 153 -13.87 -6.66 -8.77
N GLY A 154 -12.99 -5.82 -9.35
CA GLY A 154 -12.95 -5.54 -10.78
C GLY A 154 -14.09 -4.66 -11.29
N ASP A 155 -14.85 -3.99 -10.41
CA ASP A 155 -16.07 -3.32 -10.84
C ASP A 155 -16.07 -1.84 -10.50
N MET A 156 -14.93 -1.27 -10.15
CA MET A 156 -14.83 0.17 -10.02
C MET A 156 -14.54 0.77 -11.39
N ALA A 157 -15.57 1.38 -11.99
CA ALA A 157 -15.50 1.80 -13.37
C ALA A 157 -15.53 3.32 -13.46
N LEU A 158 -14.73 4.00 -12.61
CA LEU A 158 -14.76 5.45 -12.55
C LEU A 158 -13.91 6.06 -13.67
N LYS A 159 -14.43 7.13 -14.27
CA LYS A 159 -13.65 8.01 -15.13
C LYS A 159 -13.05 9.08 -14.23
N ASP A 160 -12.00 9.77 -14.70
CA ASP A 160 -11.42 10.84 -13.93
C ASP A 160 -12.30 12.08 -14.09
N ASP A 161 -12.59 12.73 -12.97
CA ASP A 161 -13.23 14.04 -12.99
C ASP A 161 -12.54 14.90 -11.96
N ASP A 162 -13.01 16.13 -11.79
CA ASP A 162 -12.50 17.06 -10.79
C ASP A 162 -12.46 16.43 -9.40
N ASP A 163 -13.55 15.74 -9.01
CA ASP A 163 -13.68 15.20 -7.67
C ASP A 163 -12.66 14.10 -7.38
N THR A 164 -12.46 13.16 -8.31
CA THR A 164 -11.49 12.09 -8.12
C THR A 164 -10.08 12.67 -8.01
N ASP A 165 -9.77 13.63 -8.88
CA ASP A 165 -8.43 14.19 -8.95
C ASP A 165 -8.14 14.98 -7.69
N SER A 166 -9.13 15.71 -7.19
CA SER A 166 -8.93 16.57 -6.04
C SER A 166 -8.61 15.74 -4.80
N LEU A 167 -9.36 14.65 -4.62
CA LEU A 167 -9.13 13.78 -3.49
C LEU A 167 -7.76 13.11 -3.63
N ARG A 168 -7.46 12.60 -4.83
CA ARG A 168 -6.18 11.94 -5.03
C ARG A 168 -5.03 12.91 -4.75
N LEU A 169 -5.14 14.17 -5.21
CA LEU A 169 -4.13 15.17 -4.95
C LEU A 169 -3.94 15.39 -3.45
N ALA A 170 -5.05 15.49 -2.71
CA ALA A 170 -4.97 15.75 -1.28
C ALA A 170 -4.26 14.60 -0.56
N ILE A 171 -4.55 13.36 -0.99
CA ILE A 171 -3.92 12.18 -0.42
C ILE A 171 -2.42 12.14 -0.78
N VAL A 172 -2.06 12.51 -2.01
CA VAL A 172 -0.67 12.54 -2.42
C VAL A 172 0.10 13.54 -1.57
N TYR A 173 -0.50 14.73 -1.40
CA TYR A 173 0.07 15.79 -0.56
C TYR A 173 0.38 15.29 0.84
N VAL A 174 -0.60 14.64 1.49
CA VAL A 174 -0.43 14.22 2.87
C VAL A 174 0.67 13.18 2.94
N ASN A 175 0.74 12.31 1.94
CA ASN A 175 1.80 11.31 1.88
C ASN A 175 3.18 11.99 1.85
N LEU A 176 3.32 13.13 1.15
CA LEU A 176 4.59 13.85 1.12
C LEU A 176 4.89 14.48 2.48
N LEU A 177 3.85 14.99 3.15
CA LEU A 177 3.99 15.48 4.52
C LEU A 177 4.46 14.33 5.41
N LEU A 178 3.70 13.24 5.46
CA LEU A 178 4.02 12.13 6.32
C LEU A 178 5.46 11.69 6.04
N MET A 179 5.82 11.62 4.76
CA MET A 179 7.16 11.32 4.27
C MET A 179 8.25 12.22 4.85
N ASN A 180 7.90 13.33 5.52
CA ASN A 180 8.91 14.19 6.15
C ASN A 180 8.51 14.54 7.57
N GLY A 181 7.56 13.79 8.14
CA GLY A 181 7.04 14.03 9.48
C GLY A 181 6.48 15.43 9.68
N LEU A 182 5.93 16.04 8.61
CA LEU A 182 5.52 17.43 8.68
C LEU A 182 4.00 17.58 8.84
N GLY A 183 3.26 16.47 8.93
CA GLY A 183 1.81 16.58 9.05
C GLY A 183 1.12 15.22 9.08
N ASP A 184 -0.17 15.26 9.45
CA ASP A 184 -1.03 14.08 9.50
C ASP A 184 -2.17 14.30 8.51
N PHE A 185 -3.05 13.30 8.40
CA PHE A 185 -4.21 13.42 7.51
C PHE A 185 -5.08 14.60 7.95
N SER A 186 -4.87 15.06 9.20
CA SER A 186 -5.43 16.32 9.65
CA SER A 186 -5.42 16.33 9.66
C SER A 186 -4.97 17.45 8.73
N HIS A 192 -8.28 20.15 1.83
CA HIS A 192 -9.32 19.69 0.86
C HIS A 192 -10.68 20.18 1.34
N ARG A 193 -11.30 21.07 0.57
CA ARG A 193 -12.73 21.31 0.68
C ARG A 193 -13.42 20.44 -0.38
N PRO A 194 -14.66 19.96 -0.13
CA PRO A 194 -15.42 19.26 -1.17
C PRO A 194 -15.72 20.18 -2.35
N GLY A 195 -15.74 19.59 -3.56
CA GLY A 195 -16.15 20.28 -4.77
C GLY A 195 -15.05 21.14 -5.40
N ILE A 196 -13.93 21.33 -4.68
CA ILE A 196 -12.87 22.20 -5.15
C ILE A 196 -12.33 21.66 -6.48
N ASP A 197 -11.98 22.58 -7.38
CA ASP A 197 -11.37 22.20 -8.64
C ASP A 197 -9.89 21.91 -8.34
N PRO A 198 -9.30 20.87 -8.96
CA PRO A 198 -7.86 20.62 -8.84
C PRO A 198 -7.01 21.82 -9.26
N ALA A 199 -7.55 22.71 -10.11
CA ALA A 199 -6.81 23.88 -10.58
C ALA A 199 -6.58 24.89 -9.46
N GLU A 200 -7.56 25.03 -8.55
CA GLU A 200 -7.35 25.83 -7.35
C GLU A 200 -6.57 25.02 -6.31
N LEU A 201 -6.85 23.72 -6.22
CA LEU A 201 -6.31 22.90 -5.15
C LEU A 201 -4.80 22.75 -5.27
N LEU A 202 -4.30 22.39 -6.46
CA LEU A 202 -2.89 22.06 -6.61
C LEU A 202 -2.00 23.23 -6.16
N PRO A 203 -2.24 24.50 -6.55
CA PRO A 203 -1.42 25.62 -6.05
C PRO A 203 -1.58 25.93 -4.55
N ALA A 204 -2.74 25.60 -3.97
CA ALA A 204 -2.92 25.73 -2.52
C ALA A 204 -2.16 24.64 -1.76
N LEU A 205 -2.04 23.44 -2.34
CA LEU A 205 -1.27 22.38 -1.73
C LEU A 205 0.22 22.72 -1.74
N VAL A 206 0.67 23.38 -2.82
CA VAL A 206 2.05 23.81 -2.97
C VAL A 206 2.35 24.84 -1.89
N ARG A 207 1.45 25.81 -1.66
CA ARG A 207 1.67 26.85 -0.66
C ARG A 207 1.67 26.29 0.77
N ALA A 208 0.70 25.41 1.06
CA ALA A 208 0.61 24.81 2.38
C ALA A 208 1.85 23.96 2.67
N GLY A 209 2.35 23.27 1.63
CA GLY A 209 3.50 22.40 1.79
C GLY A 209 4.75 23.18 2.14
N ILE A 210 5.00 24.26 1.39
CA ILE A 210 6.10 25.17 1.69
C ILE A 210 5.95 25.69 3.13
N ASP A 211 4.75 26.18 3.49
CA ASP A 211 4.47 26.68 4.83
C ASP A 211 4.78 25.63 5.90
N ARG A 212 4.32 24.39 5.72
CA ARG A 212 4.62 23.32 6.68
C ARG A 212 6.10 22.90 6.59
N GLY A 213 6.84 23.46 5.62
CA GLY A 213 8.29 23.40 5.66
C GLY A 213 8.90 22.41 4.68
N LEU A 214 8.12 21.90 3.72
CA LEU A 214 8.67 20.98 2.74
C LEU A 214 9.85 21.66 2.04
N PRO A 215 11.00 20.97 1.88
CA PRO A 215 12.23 21.60 1.37
C PRO A 215 12.33 21.69 -0.16
N TYR A 216 11.47 22.51 -0.76
CA TYR A 216 11.43 22.64 -2.21
C TYR A 216 11.00 24.04 -2.60
N THR A 217 11.38 24.45 -3.80
CA THR A 217 10.77 25.60 -4.43
C THR A 217 9.32 25.24 -4.77
N PRO A 218 8.46 26.26 -4.93
CA PRO A 218 7.11 26.08 -5.49
C PRO A 218 7.05 25.22 -6.76
N GLN A 219 7.91 25.53 -7.73
CA GLN A 219 7.91 24.83 -8.99
C GLN A 219 8.26 23.37 -8.75
N ALA A 220 9.24 23.12 -7.87
CA ALA A 220 9.76 21.76 -7.69
C ALA A 220 8.72 20.92 -6.95
N LEU A 221 7.99 21.53 -6.01
CA LEU A 221 6.99 20.81 -5.24
C LEU A 221 5.80 20.47 -6.13
N GLY A 222 5.43 21.43 -6.99
CA GLY A 222 4.37 21.27 -7.97
C GLY A 222 4.63 20.10 -8.92
N GLN A 223 5.88 19.99 -9.39
CA GLN A 223 6.29 18.87 -10.23
C GLN A 223 6.26 17.55 -9.45
N LEU A 224 6.76 17.55 -8.21
CA LEU A 224 6.78 16.35 -7.39
C LEU A 224 5.35 15.86 -7.12
N ILE A 225 4.43 16.79 -6.82
CA ILE A 225 3.04 16.43 -6.57
C ILE A 225 2.44 15.80 -7.82
N GLU A 226 2.72 16.40 -9.00
CA GLU A 226 2.15 15.90 -10.23
C GLU A 226 2.73 14.53 -10.57
N ARG A 227 4.05 14.35 -10.39
CA ARG A 227 4.67 13.05 -10.61
C ARG A 227 4.05 11.99 -9.70
N HIS A 228 3.93 12.31 -8.41
CA HIS A 228 3.37 11.40 -7.44
C HIS A 228 1.90 11.11 -7.76
N HIS A 229 1.18 12.11 -8.28
CA HIS A 229 -0.23 11.94 -8.64
C HIS A 229 -0.36 10.97 -9.82
N ARG A 230 0.53 11.09 -10.80
CA ARG A 230 0.51 10.19 -11.94
C ARG A 230 0.72 8.75 -11.47
N VAL A 231 1.70 8.54 -10.61
CA VAL A 231 1.97 7.24 -10.02
C VAL A 231 0.72 6.74 -9.29
N ALA A 232 0.12 7.55 -8.42
CA ALA A 232 -1.06 7.11 -7.66
C ALA A 232 -2.19 6.67 -8.59
N ARG A 233 -2.47 7.47 -9.63
CA ARG A 233 -3.54 7.19 -10.58
C ARG A 233 -3.27 5.87 -11.32
N ALA A 234 -2.01 5.65 -11.73
CA ALA A 234 -1.69 4.38 -12.38
C ALA A 234 -1.88 3.19 -11.44
N ASN A 235 -1.45 3.33 -10.19
CA ASN A 235 -1.62 2.26 -9.21
C ASN A 235 -3.10 1.97 -8.99
N GLU A 236 -3.93 3.01 -8.94
CA GLU A 236 -5.36 2.84 -8.77
C GLU A 236 -5.99 2.11 -9.94
N THR A 237 -5.64 2.51 -11.18
CA THR A 237 -6.04 1.78 -12.38
C THR A 237 -5.64 0.31 -12.22
N ALA A 238 -4.37 0.06 -11.89
CA ALA A 238 -3.89 -1.31 -11.75
C ALA A 238 -4.81 -2.09 -10.81
N ALA A 239 -5.10 -1.52 -9.63
CA ALA A 239 -5.84 -2.22 -8.58
C ALA A 239 -7.28 -2.47 -9.01
N ARG A 240 -7.88 -1.47 -9.70
CA ARG A 240 -9.31 -1.50 -10.02
C ARG A 240 -9.58 -2.48 -11.16
N THR A 241 -8.57 -2.77 -12.00
CA THR A 241 -8.75 -3.61 -13.16
C THR A 241 -8.33 -5.05 -12.91
N TYR A 242 -7.59 -5.28 -11.82
CA TYR A 242 -7.08 -6.61 -11.51
C TYR A 242 -8.19 -7.58 -11.09
N LEU A 243 -8.05 -8.82 -11.56
CA LEU A 243 -8.95 -9.91 -11.24
C LEU A 243 -8.12 -11.07 -10.73
N PRO A 244 -8.08 -11.31 -9.40
CA PRO A 244 -7.13 -12.25 -8.83
C PRO A 244 -7.38 -13.66 -9.37
N ALA A 245 -6.33 -14.25 -9.94
CA ALA A 245 -6.34 -15.67 -10.20
C ALA A 245 -5.98 -16.39 -8.90
N ASP A 246 -6.33 -17.67 -8.86
CA ASP A 246 -6.01 -18.55 -7.75
C ASP A 246 -4.51 -18.86 -7.66
N LEU A 247 -4.01 -19.01 -6.44
CA LEU A 247 -2.67 -19.51 -6.18
C LEU A 247 -2.53 -20.97 -6.58
N PRO A 248 -1.43 -21.41 -7.21
CA PRO A 248 -1.16 -22.84 -7.37
C PRO A 248 -1.33 -23.64 -6.07
N HIS A 249 -0.86 -23.08 -4.96
CA HIS A 249 -0.89 -23.75 -3.66
C HIS A 249 -1.54 -22.79 -2.68
N PRO A 250 -2.88 -22.72 -2.63
CA PRO A 250 -3.58 -21.71 -1.83
C PRO A 250 -3.24 -21.68 -0.34
N GLY A 251 -3.02 -22.87 0.25
CA GLY A 251 -2.81 -23.02 1.69
C GLY A 251 -1.35 -22.92 2.13
N GLN A 252 -0.43 -22.71 1.18
CA GLN A 252 0.99 -22.73 1.48
C GLN A 252 1.37 -21.57 2.39
N PRO A 253 1.08 -20.30 2.08
CA PRO A 253 1.40 -19.21 2.99
C PRO A 253 0.46 -19.16 4.19
N VAL A 254 1.08 -18.88 5.36
CA VAL A 254 0.36 -18.48 6.55
C VAL A 254 0.01 -17.01 6.36
N VAL A 255 -1.29 -16.69 6.41
CA VAL A 255 -1.77 -15.38 6.05
C VAL A 255 -2.36 -14.69 7.28
N HIS A 256 -1.90 -13.46 7.54
CA HIS A 256 -2.45 -12.62 8.59
C HIS A 256 -3.05 -11.38 7.94
N TYR A 257 -4.35 -11.18 8.15
CA TYR A 257 -5.09 -10.08 7.57
C TYR A 257 -5.55 -9.15 8.69
N PHE A 258 -5.18 -7.86 8.60
CA PHE A 258 -5.59 -6.84 9.58
C PHE A 258 -6.66 -5.95 8.96
N ALA A 259 -7.78 -5.76 9.68
CA ALA A 259 -8.95 -5.05 9.17
C ALA A 259 -9.15 -3.75 9.93
N ARG A 260 -9.51 -2.69 9.20
CA ARG A 260 -9.99 -1.47 9.82
C ARG A 260 -11.25 -1.81 10.62
N ARG A 261 -11.71 -0.83 11.41
CA ARG A 261 -12.75 -1.11 12.38
C ARG A 261 -14.08 -1.39 11.69
N HIS A 262 -14.45 -0.60 10.67
CA HIS A 262 -15.74 -0.75 10.00
C HIS A 262 -15.57 -0.83 8.50
N PRO A 263 -16.19 -1.82 7.83
CA PRO A 263 -16.13 -1.85 6.37
C PRO A 263 -16.64 -0.56 5.73
N GLN A 264 -17.68 0.05 6.32
CA GLN A 264 -18.32 1.21 5.71
C GLN A 264 -17.61 2.51 6.09
N VAL A 265 -16.57 2.45 6.93
CA VAL A 265 -15.75 3.63 7.15
C VAL A 265 -14.35 3.38 6.57
N TYR A 266 -14.22 3.60 5.27
CA TYR A 266 -12.93 3.60 4.59
C TYR A 266 -12.26 4.95 4.84
N PHE A 267 -13.05 6.02 4.72
CA PHE A 267 -12.67 7.36 5.11
C PHE A 267 -13.51 7.78 6.32
N ASP A 268 -12.81 8.22 7.38
CA ASP A 268 -13.46 8.73 8.57
C ASP A 268 -14.25 9.98 8.18
N PRO A 269 -15.58 9.99 8.40
CA PRO A 269 -16.39 11.16 8.02
C PRO A 269 -16.34 12.36 8.97
N ALA A 270 -15.23 12.52 9.73
CA ALA A 270 -14.88 13.80 10.33
C ALA A 270 -13.40 14.08 10.11
N ARG A 271 -12.85 13.60 8.99
CA ARG A 271 -11.58 14.07 8.48
C ARG A 271 -11.68 14.14 6.96
N PHE A 272 -12.86 13.81 6.44
CA PHE A 272 -13.05 13.59 5.02
C PHE A 272 -14.51 13.86 4.67
N SER A 273 -14.71 14.56 3.55
CA SER A 273 -16.06 14.74 3.03
C SER A 273 -15.96 14.96 1.52
N GLY A 274 -17.12 15.10 0.90
CA GLY A 274 -17.16 15.31 -0.54
C GLY A 274 -17.66 14.07 -1.27
N PRO A 275 -17.85 14.18 -2.60
CA PRO A 275 -18.53 13.14 -3.36
C PRO A 275 -17.71 11.86 -3.40
N MET A 276 -16.39 11.97 -3.59
CA MET A 276 -15.56 10.78 -3.77
C MET A 276 -15.39 10.03 -2.45
N VAL A 277 -15.34 10.75 -1.31
CA VAL A 277 -15.28 10.12 -0.01
C VAL A 277 -16.54 9.30 0.23
N GLU A 278 -17.68 9.89 -0.09
CA GLU A 278 -18.98 9.29 0.12
C GLU A 278 -19.15 8.10 -0.86
N TRP A 279 -18.74 8.26 -2.12
CA TRP A 279 -18.76 7.13 -3.06
C TRP A 279 -17.97 5.95 -2.50
N THR A 280 -16.80 6.22 -1.90
CA THR A 280 -15.92 5.14 -1.47
C THR A 280 -16.54 4.38 -0.29
N ASN A 281 -17.14 5.11 0.65
CA ASN A 281 -17.72 4.53 1.85
C ASN A 281 -18.94 3.68 1.45
N ARG A 282 -19.74 4.19 0.51
CA ARG A 282 -20.89 3.48 -0.02
C ARG A 282 -20.44 2.17 -0.69
N TYR A 283 -19.37 2.25 -1.49
CA TYR A 283 -18.85 1.11 -2.22
C TYR A 283 -18.46 -0.02 -1.25
N PHE A 284 -17.76 0.30 -0.17
CA PHE A 284 -17.28 -0.74 0.74
C PHE A 284 -18.28 -1.10 1.84
N ALA A 285 -19.34 -0.30 2.01
CA ALA A 285 -20.32 -0.56 3.07
C ALA A 285 -20.87 -1.98 3.03
N ASP A 286 -21.10 -2.57 1.84
CA ASP A 286 -21.69 -3.90 1.79
C ASP A 286 -20.67 -4.98 1.42
N LYS A 287 -19.37 -4.66 1.52
CA LYS A 287 -18.32 -5.58 1.07
C LYS A 287 -17.68 -6.22 2.29
N ASP A 288 -17.37 -7.50 2.19
CA ASP A 288 -16.61 -8.21 3.20
C ASP A 288 -15.31 -8.68 2.54
N CYS A 289 -14.32 -7.79 2.49
CA CYS A 289 -13.06 -8.03 1.77
C CYS A 289 -12.26 -9.17 2.43
N ALA A 290 -12.29 -9.25 3.74
CA ALA A 290 -11.55 -10.30 4.42
C ALA A 290 -12.08 -11.69 4.03
N SER A 291 -13.41 -11.86 3.95
N SER A 291 -13.40 -11.87 3.95
CA SER A 291 -13.98 -13.14 3.58
CA SER A 291 -13.95 -13.17 3.60
C SER A 291 -13.57 -13.50 2.16
C SER A 291 -13.62 -13.51 2.15
N ARG A 292 -13.55 -12.51 1.26
CA ARG A 292 -13.21 -12.77 -0.13
C ARG A 292 -11.76 -13.22 -0.24
N TRP A 293 -10.85 -12.55 0.49
CA TRP A 293 -9.44 -12.95 0.53
C TRP A 293 -9.28 -14.35 1.14
N GLN A 294 -9.98 -14.64 2.24
CA GLN A 294 -9.89 -15.95 2.88
C GLN A 294 -10.22 -17.08 1.88
N ARG A 295 -11.10 -16.83 0.90
CA ARG A 295 -11.44 -17.85 -0.09
C ARG A 295 -10.22 -18.25 -0.94
N HIS A 296 -9.24 -17.34 -1.12
CA HIS A 296 -8.03 -17.59 -1.89
C HIS A 296 -6.87 -18.11 -1.01
N LEU A 297 -7.02 -17.96 0.29
CA LEU A 297 -5.91 -18.06 1.23
C LEU A 297 -6.40 -18.76 2.51
N PRO A 298 -6.62 -20.08 2.46
CA PRO A 298 -7.31 -20.75 3.57
C PRO A 298 -6.56 -20.88 4.91
N THR A 299 -5.23 -20.74 4.92
CA THR A 299 -4.44 -20.83 6.15
C THR A 299 -4.44 -19.45 6.79
N TRP A 300 -5.55 -19.11 7.45
CA TRP A 300 -5.96 -17.73 7.59
C TRP A 300 -6.07 -17.33 9.06
N HIS A 301 -5.54 -16.13 9.34
CA HIS A 301 -5.60 -15.53 10.65
C HIS A 301 -6.21 -14.14 10.46
N HIS A 302 -7.38 -13.89 11.08
CA HIS A 302 -8.04 -12.61 11.02
C HIS A 302 -7.70 -11.76 12.22
N HIS A 303 -7.31 -10.49 11.99
CA HIS A 303 -7.06 -9.58 13.09
C HIS A 303 -7.95 -8.36 12.92
N ALA A 304 -8.96 -8.24 13.82
CA ALA A 304 -9.74 -7.00 13.92
C ALA A 304 -8.89 -5.94 14.60
N THR A 305 -9.03 -4.69 14.14
CA THR A 305 -8.35 -3.58 14.77
C THR A 305 -9.34 -2.48 15.02
N PRO A 306 -9.04 -1.57 15.97
CA PRO A 306 -9.87 -0.39 16.18
C PRO A 306 -9.54 0.79 15.29
N ALA A 307 -8.70 0.61 14.25
CA ALA A 307 -8.31 1.74 13.41
C ALA A 307 -9.55 2.44 12.84
N VAL A 308 -9.61 3.77 12.98
CA VAL A 308 -10.84 4.53 12.72
C VAL A 308 -11.27 4.30 11.28
N ASP A 309 -10.31 4.36 10.33
CA ASP A 309 -10.58 4.20 8.92
C ASP A 309 -9.38 3.48 8.25
N HIS A 310 -9.47 3.30 6.95
CA HIS A 310 -8.44 2.64 6.13
C HIS A 310 -7.08 3.32 6.26
N PHE A 311 -7.10 4.63 6.40
CA PHE A 311 -5.88 5.41 6.42
C PHE A 311 -5.20 5.42 7.78
N ALA A 312 -5.79 4.77 8.79
CA ALA A 312 -5.27 4.78 10.16
C ALA A 312 -4.58 3.48 10.57
N MET A 313 -4.40 2.54 9.65
CA MET A 313 -3.94 1.20 9.97
C MET A 313 -2.52 1.18 10.53
N LEU A 314 -1.67 2.10 10.08
CA LEU A 314 -0.29 2.11 10.55
C LEU A 314 -0.07 3.20 11.60
N THR A 315 -1.05 4.08 11.82
CA THR A 315 -0.85 5.18 12.75
C THR A 315 -1.66 4.95 14.02
N ASP A 316 -2.81 4.27 13.93
CA ASP A 316 -3.56 3.83 15.10
C ASP A 316 -2.65 2.93 15.92
N SER A 317 -2.48 3.26 17.21
CA SER A 317 -1.46 2.61 18.02
C SER A 317 -1.75 1.12 18.22
N ALA A 318 -3.01 0.79 18.50
CA ALA A 318 -3.41 -0.60 18.71
C ALA A 318 -3.28 -1.39 17.41
N SER A 319 -3.62 -0.77 16.28
CA SER A 319 -3.46 -1.43 14.98
C SER A 319 -1.98 -1.73 14.71
N PHE A 320 -1.15 -0.68 14.80
CA PHE A 320 0.28 -0.79 14.55
C PHE A 320 0.89 -1.87 15.45
N ALA A 321 0.61 -1.83 16.75
CA ALA A 321 1.22 -2.77 17.69
C ALA A 321 0.85 -4.21 17.36
N ALA A 322 -0.41 -4.46 16.95
CA ALA A 322 -0.82 -5.81 16.58
C ALA A 322 -0.02 -6.27 15.36
N ILE A 323 0.19 -5.38 14.39
CA ILE A 323 0.99 -5.68 13.22
C ILE A 323 2.44 -6.00 13.61
N VAL A 324 3.02 -5.19 14.50
CA VAL A 324 4.39 -5.41 14.97
C VAL A 324 4.51 -6.76 15.68
N ARG A 325 3.60 -7.04 16.64
CA ARG A 325 3.65 -8.29 17.39
C ARG A 325 3.58 -9.49 16.45
N THR A 326 2.72 -9.42 15.43
CA THR A 326 2.58 -10.50 14.46
C THR A 326 3.84 -10.66 13.60
N CYS A 327 4.38 -9.54 13.09
CA CYS A 327 5.57 -9.65 12.25
C CYS A 327 6.72 -10.23 13.05
N ARG A 328 6.89 -9.80 14.32
CA ARG A 328 7.92 -10.38 15.17
C ARG A 328 7.77 -11.89 15.30
N GLU A 329 6.57 -12.38 15.57
CA GLU A 329 6.36 -13.82 15.66
C GLU A 329 6.66 -14.49 14.32
N LEU A 330 6.23 -13.90 13.21
CA LEU A 330 6.37 -14.57 11.92
C LEU A 330 7.82 -14.63 11.47
N TYR A 331 8.60 -13.59 11.80
CA TYR A 331 9.89 -13.36 11.16
C TYR A 331 11.06 -13.76 12.06
N LEU A 332 10.82 -13.88 13.36
CA LEU A 332 11.92 -14.22 14.26
C LEU A 332 11.87 -15.70 14.59
N GLY A 333 11.39 -16.49 13.62
CA GLY A 333 11.28 -17.94 13.74
C GLY A 333 9.92 -18.35 14.30
#